data_4D0N
#
_entry.id   4D0N
#
_cell.length_a   82.320
_cell.length_b   86.610
_cell.length_c   116.820
_cell.angle_alpha   90.00
_cell.angle_beta   90.00
_cell.angle_gamma   90.00
#
_symmetry.space_group_name_H-M   'P 21 21 21'
#
loop_
_entity.id
_entity.type
_entity.pdbx_description
1 polymer 'TRANSFORMING PROTEIN RHOA'
2 polymer 'A-KINASE ANCHOR PROTEIN 13'
3 non-polymer "GUANOSINE-5'-DIPHOSPHATE"
4 non-polymer 'SULFATE ION'
5 non-polymer 1,2-ETHANEDIOL
6 water water
#
loop_
_entity_poly.entity_id
_entity_poly.type
_entity_poly.pdbx_seq_one_letter_code
_entity_poly.pdbx_strand_id
1 'polypeptide(L)'
;SMAAIRKKLVIVGDGACGKTCLLIVFSKDQFPEVYVPTVFENYVADIEVDGKQVELALWDTAGQEDYDRLRPLSYPDTDV
ILMCFSIDSPDSLENIPEKWTPEVKHFCPNVPIILVGNKKDLRNDEHTRRELAKMKQEPVKPEEGRDMANRIGAFGYMEC
SAKTKDGVREVFEMATRAALQARRG
;
A
2 'polypeptide(L)'
;SMSKQLEAESWSRIIDSKFLKQQKKDVVKRQEVIYELMQTEFHHVRTLKIMSGVYSQGMMADLLFEQQMVEKLFPCLDEL
ISIHSQFFQRILERKKESLVDKSEKNFLIKRIGDVLVNQFSGENAERLKKTYGKFCGQHNQSVNYFKDLYAKDKRFQAFV
KKKMSSSVVRRLGIPECILLVTQRITKYPVLFQRILQCTKDNEVEQEDLAQSLSLVKDVIGAVDSKVASYEKKVRLNEIY
TKTDSKSIMRMKSGQMFAKEDLKRKKLVRDGSVFLKNAAGRLKEVQAVLLTDILVFLQEKDQKYIFASLDQKSTVISLKK
LIVREVAHEEKGLFLISMGMTDPEMVEVHASSKEERNSWIQIIQDTINTLNRD
;
B
#
loop_
_chem_comp.id
_chem_comp.type
_chem_comp.name
_chem_comp.formula
EDO non-polymer 1,2-ETHANEDIOL 'C2 H6 O2'
GDP RNA linking GUANOSINE-5'-DIPHOSPHATE 'C10 H15 N5 O11 P2'
SO4 non-polymer 'SULFATE ION' 'O4 S -2'
#
# COMPACT_ATOMS: atom_id res chain seq x y z
N ALA A 4 -11.45 19.69 -13.17
CA ALA A 4 -10.10 20.19 -13.59
C ALA A 4 -9.81 21.57 -12.98
N ILE A 5 -8.54 21.88 -12.67
CA ILE A 5 -7.41 20.98 -12.88
C ILE A 5 -7.23 20.08 -11.64
N ARG A 6 -7.31 18.78 -11.85
CA ARG A 6 -7.18 17.79 -10.77
C ARG A 6 -5.80 17.14 -10.81
N LYS A 7 -5.08 17.23 -9.69
CA LYS A 7 -3.78 16.56 -9.56
C LYS A 7 -3.75 15.71 -8.31
N LYS A 8 -3.03 14.60 -8.36
CA LYS A 8 -2.84 13.74 -7.21
C LYS A 8 -1.43 13.88 -6.63
N LEU A 9 -1.38 13.99 -5.30
CA LEU A 9 -0.12 14.14 -4.57
C LEU A 9 -0.05 13.00 -3.58
N VAL A 10 1.10 12.33 -3.55
CA VAL A 10 1.37 11.28 -2.55
C VAL A 10 2.66 11.62 -1.82
N ILE A 11 2.66 11.41 -0.50
CA ILE A 11 3.83 11.67 0.34
C ILE A 11 4.40 10.34 0.81
N VAL A 12 5.73 10.22 0.74
CA VAL A 12 6.45 9.01 1.10
C VAL A 12 7.69 9.41 1.91
N GLY A 13 8.37 8.40 2.45
CA GLY A 13 9.47 8.60 3.40
C GLY A 13 9.39 7.65 4.58
N ASP A 14 10.51 7.51 5.27
CA ASP A 14 10.62 6.59 6.40
C ASP A 14 9.58 6.88 7.49
N GLY A 15 9.21 5.83 8.21
CA GLY A 15 8.43 5.97 9.45
C GLY A 15 9.04 7.02 10.38
N ALA A 16 8.16 7.80 11.02
CA ALA A 16 8.54 8.86 11.99
C ALA A 16 9.15 10.14 11.40
N CYS A 17 9.12 10.34 10.07
CA CYS A 17 9.76 11.53 9.48
CA CYS A 17 9.75 11.52 9.49
C CYS A 17 8.82 12.73 9.34
N GLY A 18 7.57 12.59 9.79
CA GLY A 18 6.63 13.73 9.81
C GLY A 18 5.64 13.83 8.65
N LYS A 19 5.44 12.73 7.93
CA LYS A 19 4.54 12.73 6.76
C LYS A 19 3.12 13.16 7.09
N THR A 20 2.55 12.57 8.13
CA THR A 20 1.15 12.82 8.50
C THR A 20 0.96 14.24 9.05
N CYS A 21 1.85 14.65 9.94
CA CYS A 21 1.80 15.98 10.52
C CYS A 21 1.88 17.06 9.47
N LEU A 22 2.72 16.87 8.45
CA LEU A 22 2.83 17.83 7.35
C LEU A 22 1.51 17.97 6.58
N LEU A 23 0.91 16.85 6.19
CA LEU A 23 -0.39 16.89 5.50
C LEU A 23 -1.46 17.56 6.35
N ILE A 24 -1.53 17.19 7.63
CA ILE A 24 -2.50 17.76 8.55
C ILE A 24 -2.34 19.27 8.69
N VAL A 25 -1.12 19.72 9.00
CA VAL A 25 -0.90 21.16 9.21
C VAL A 25 -1.13 21.95 7.92
N PHE A 26 -0.81 21.37 6.76
CA PHE A 26 -1.12 22.03 5.50
C PHE A 26 -2.63 22.07 5.24
N SER A 27 -3.29 20.94 5.37
CA SER A 27 -4.71 20.83 5.00
C SER A 27 -5.66 21.55 5.95
N LYS A 28 -5.47 21.39 7.25
CA LYS A 28 -6.47 21.84 8.24
C LYS A 28 -6.74 23.34 8.19
N ASP A 29 -8.02 23.70 8.35
CA ASP A 29 -8.48 25.09 8.29
C ASP A 29 -7.90 25.93 9.42
N GLN A 30 -7.96 25.41 10.65
CA GLN A 30 -7.28 26.00 11.80
C GLN A 30 -6.09 25.12 12.18
N PHE A 31 -4.94 25.72 12.44
CA PHE A 31 -3.73 24.99 12.80
C PHE A 31 -3.95 24.25 14.14
N PRO A 32 -3.64 22.94 14.19
CA PRO A 32 -3.88 22.17 15.41
C PRO A 32 -2.93 22.56 16.56
N GLU A 33 -3.39 23.51 17.39
CA GLU A 33 -2.58 24.05 18.46
C GLU A 33 -2.46 23.11 19.66
N VAL A 34 -3.50 22.31 19.91
CA VAL A 34 -3.54 21.47 21.12
C VAL A 34 -3.44 19.98 20.80
N TYR A 35 -4.30 19.47 19.93
CA TYR A 35 -4.25 18.06 19.52
C TYR A 35 -3.99 17.91 18.03
N VAL A 36 -2.96 17.14 17.71
CA VAL A 36 -2.65 16.80 16.34
C VAL A 36 -3.17 15.40 16.07
N PRO A 37 -4.02 15.22 15.05
CA PRO A 37 -4.51 13.89 14.71
C PRO A 37 -3.40 12.87 14.42
N THR A 38 -3.68 11.62 14.74
CA THR A 38 -2.78 10.49 14.52
C THR A 38 -2.68 10.09 13.05
N VAL A 39 -3.80 10.18 12.32
CA VAL A 39 -3.84 9.74 10.93
C VAL A 39 -4.46 10.79 10.04
N PHE A 40 -4.29 10.57 8.73
CA PHE A 40 -4.84 11.42 7.70
C PHE A 40 -5.61 10.54 6.72
N GLU A 41 -6.84 10.94 6.39
CA GLU A 41 -7.69 10.11 5.51
C GLU A 41 -7.42 10.41 4.03
N ASN A 42 -7.96 11.52 3.54
CA ASN A 42 -7.54 12.15 2.30
C ASN A 42 -8.11 13.57 2.28
N TYR A 43 -7.76 14.34 1.27
CA TYR A 43 -8.13 15.75 1.24
C TYR A 43 -7.91 16.31 -0.15
N VAL A 44 -8.79 17.22 -0.55
CA VAL A 44 -8.64 17.94 -1.81
C VAL A 44 -8.50 19.42 -1.53
N ALA A 45 -7.26 19.90 -1.63
CA ALA A 45 -6.91 21.29 -1.37
C ALA A 45 -7.10 22.14 -2.62
N ASP A 46 -7.73 23.29 -2.46
CA ASP A 46 -7.79 24.29 -3.51
C ASP A 46 -6.61 25.23 -3.32
N ILE A 47 -5.73 25.28 -4.32
CA ILE A 47 -4.52 26.10 -4.25
C ILE A 47 -4.22 26.71 -5.62
N GLU A 48 -3.78 27.96 -5.61
CA GLU A 48 -3.51 28.69 -6.84
C GLU A 48 -2.04 29.06 -6.92
N VAL A 49 -1.36 28.64 -7.99
CA VAL A 49 0.00 29.04 -8.27
C VAL A 49 0.12 29.53 -9.71
N ASP A 50 0.71 30.71 -9.88
CA ASP A 50 0.94 31.32 -11.19
C ASP A 50 -0.35 31.44 -11.99
N GLY A 51 -1.42 31.88 -11.33
CA GLY A 51 -2.70 32.14 -11.97
C GLY A 51 -3.42 30.90 -12.49
N LYS A 52 -3.18 29.75 -11.88
CA LYS A 52 -3.86 28.51 -12.25
C LYS A 52 -4.48 27.85 -11.03
N GLN A 53 -5.80 27.64 -11.07
CA GLN A 53 -6.54 27.00 -9.98
C GLN A 53 -6.36 25.49 -10.06
N VAL A 54 -5.86 24.88 -8.97
CA VAL A 54 -5.67 23.44 -8.93
C VAL A 54 -6.44 22.83 -7.76
N GLU A 55 -7.05 21.67 -8.01
CA GLU A 55 -7.62 20.82 -6.97
C GLU A 55 -6.61 19.73 -6.67
N LEU A 56 -5.87 19.88 -5.57
CA LEU A 56 -4.78 18.99 -5.26
C LEU A 56 -5.19 17.94 -4.21
N ALA A 57 -5.42 16.71 -4.67
CA ALA A 57 -5.72 15.59 -3.77
C ALA A 57 -4.48 15.16 -3.01
N LEU A 58 -4.59 15.00 -1.69
CA LEU A 58 -3.48 14.60 -0.83
C LEU A 58 -3.67 13.19 -0.27
N TRP A 59 -2.63 12.37 -0.36
CA TRP A 59 -2.65 11.01 0.14
C TRP A 59 -1.40 10.71 0.98
N ASP A 60 -1.61 10.03 2.10
CA ASP A 60 -0.56 9.64 3.02
C ASP A 60 -0.22 8.17 2.83
N THR A 61 1.05 7.82 2.98
CA THR A 61 1.50 6.43 2.99
C THR A 61 1.87 5.95 4.40
N ALA A 62 1.83 6.84 5.38
CA ALA A 62 1.97 6.45 6.80
C ALA A 62 1.13 5.22 7.11
N GLY A 63 1.76 4.21 7.69
CA GLY A 63 1.10 2.91 7.96
C GLY A 63 1.47 1.81 6.98
N GLN A 64 1.91 2.21 5.78
CA GLN A 64 2.29 1.27 4.73
C GLN A 64 3.79 1.07 4.55
N GLU A 65 4.62 1.72 5.37
CA GLU A 65 6.07 1.62 5.22
C GLU A 65 6.56 0.18 5.28
N ASP A 66 5.90 -0.66 6.07
CA ASP A 66 6.36 -2.04 6.28
C ASP A 66 5.68 -3.06 5.37
N TYR A 67 4.75 -2.63 4.54
CA TYR A 67 3.93 -3.57 3.77
C TYR A 67 4.13 -3.29 2.29
N ASP A 68 5.02 -4.07 1.67
CA ASP A 68 5.56 -3.72 0.34
C ASP A 68 4.60 -4.01 -0.82
N ARG A 69 3.61 -4.88 -0.65
CA ARG A 69 2.59 -5.08 -1.69
C ARG A 69 1.45 -4.07 -1.53
N LEU A 70 1.23 -3.57 -0.32
CA LEU A 70 0.13 -2.65 -0.08
C LEU A 70 0.47 -1.21 -0.44
N ARG A 71 1.68 -0.78 -0.06
CA ARG A 71 2.12 0.60 -0.27
C ARG A 71 2.03 1.07 -1.73
N PRO A 72 2.48 0.24 -2.69
CA PRO A 72 2.42 0.74 -4.07
C PRO A 72 1.02 0.87 -4.66
N LEU A 73 -0.01 0.37 -3.98
CA LEU A 73 -1.38 0.63 -4.41
C LEU A 73 -1.70 2.12 -4.29
N SER A 74 -0.93 2.85 -3.49
CA SER A 74 -1.07 4.31 -3.38
C SER A 74 -0.53 5.08 -4.60
N TYR A 75 0.36 4.46 -5.38
CA TYR A 75 1.09 5.19 -6.45
C TYR A 75 0.38 5.50 -7.78
N PRO A 76 -0.47 4.60 -8.33
CA PRO A 76 -0.98 4.86 -9.69
C PRO A 76 -1.64 6.23 -9.85
N ASP A 77 -1.38 6.85 -10.99
CA ASP A 77 -1.99 8.13 -11.37
C ASP A 77 -1.55 9.32 -10.52
N THR A 78 -0.37 9.22 -9.92
CA THR A 78 0.18 10.32 -9.13
C THR A 78 0.82 11.36 -10.05
N ASP A 79 0.52 12.62 -9.81
CA ASP A 79 1.11 13.74 -10.57
C ASP A 79 2.32 14.39 -9.87
N VAL A 80 2.46 14.20 -8.57
CA VAL A 80 3.65 14.68 -7.85
C VAL A 80 3.86 13.92 -6.54
N ILE A 81 5.13 13.70 -6.22
CA ILE A 81 5.54 12.96 -5.05
C ILE A 81 6.29 13.91 -4.12
N LEU A 82 5.86 13.96 -2.85
CA LEU A 82 6.66 14.57 -1.79
C LEU A 82 7.46 13.43 -1.19
N MET A 83 8.79 13.52 -1.26
CA MET A 83 9.66 12.49 -0.74
C MET A 83 10.40 13.05 0.47
N CYS A 84 10.08 12.52 1.66
CA CYS A 84 10.48 13.12 2.93
C CYS A 84 11.55 12.34 3.67
N PHE A 85 12.45 13.11 4.27
CA PHE A 85 13.33 12.62 5.31
C PHE A 85 13.21 13.62 6.47
N SER A 86 13.82 13.27 7.58
CA SER A 86 13.82 14.15 8.74
C SER A 86 15.21 14.72 8.97
N ILE A 87 15.26 16.03 9.18
CA ILE A 87 16.52 16.74 9.36
C ILE A 87 17.24 16.28 10.61
N ASP A 88 16.48 15.78 11.59
CA ASP A 88 17.08 15.18 12.77
C ASP A 88 17.46 13.72 12.57
N SER A 89 17.39 13.22 11.33
CA SER A 89 17.71 11.83 11.05
C SER A 89 18.47 11.67 9.73
N PRO A 90 19.81 11.73 9.79
CA PRO A 90 20.64 11.40 8.65
C PRO A 90 20.37 9.99 8.10
N ASP A 91 19.97 9.06 8.97
CA ASP A 91 19.61 7.71 8.52
C ASP A 91 18.40 7.77 7.57
N SER A 92 17.41 8.60 7.90
CA SER A 92 16.24 8.78 7.03
C SER A 92 16.60 9.42 5.68
N LEU A 93 17.70 10.17 5.63
CA LEU A 93 18.19 10.80 4.41
C LEU A 93 18.84 9.78 3.50
N GLU A 94 19.65 8.89 4.06
CA GLU A 94 20.28 7.87 3.23
C GLU A 94 19.30 6.86 2.65
N ASN A 95 18.11 6.73 3.24
CA ASN A 95 17.08 5.87 2.64
C ASN A 95 16.46 6.46 1.40
N ILE A 96 16.59 7.78 1.22
CA ILE A 96 16.02 8.47 0.07
C ILE A 96 16.56 7.91 -1.27
N PRO A 97 17.88 7.90 -1.48
CA PRO A 97 18.37 7.29 -2.72
C PRO A 97 18.35 5.76 -2.70
N GLU A 98 18.48 5.19 -1.52
CA GLU A 98 18.69 3.75 -1.40
C GLU A 98 17.40 2.94 -1.48
N LYS A 99 16.32 3.44 -0.88
CA LYS A 99 15.02 2.76 -0.91
C LYS A 99 13.95 3.50 -1.73
N TRP A 100 13.72 4.76 -1.41
CA TRP A 100 12.54 5.48 -1.90
C TRP A 100 12.64 5.90 -3.37
N THR A 101 13.81 6.32 -3.80
CA THR A 101 14.01 6.79 -5.17
C THR A 101 13.73 5.69 -6.22
N PRO A 102 14.34 4.50 -6.05
CA PRO A 102 14.04 3.46 -7.04
C PRO A 102 12.60 2.98 -7.02
N GLU A 103 11.99 2.90 -5.82
CA GLU A 103 10.59 2.52 -5.72
C GLU A 103 9.70 3.54 -6.44
N VAL A 104 9.88 4.81 -6.11
CA VAL A 104 9.02 5.86 -6.68
C VAL A 104 9.17 5.99 -8.20
N LYS A 105 10.41 5.96 -8.68
CA LYS A 105 10.64 6.09 -10.11
C LYS A 105 10.10 4.87 -10.88
N HIS A 106 10.15 3.69 -10.26
CA HIS A 106 9.60 2.49 -10.90
C HIS A 106 8.07 2.56 -10.96
N PHE A 107 7.41 2.89 -9.85
CA PHE A 107 5.93 2.90 -9.82
C PHE A 107 5.33 4.17 -10.43
N CYS A 108 6.09 5.26 -10.42
CA CYS A 108 5.66 6.56 -10.94
C CYS A 108 6.70 7.13 -11.94
N PRO A 109 6.88 6.47 -13.10
CA PRO A 109 7.91 6.96 -14.03
C PRO A 109 7.62 8.39 -14.51
N ASN A 110 8.65 9.23 -14.46
CA ASN A 110 8.59 10.61 -14.95
C ASN A 110 7.71 11.56 -14.15
N VAL A 111 7.25 11.10 -12.99
CA VAL A 111 6.50 11.93 -12.08
C VAL A 111 7.51 12.73 -11.27
N PRO A 112 7.33 14.06 -11.18
CA PRO A 112 8.30 14.88 -10.46
C PRO A 112 8.28 14.66 -8.96
N ILE A 113 9.46 14.81 -8.36
CA ILE A 113 9.66 14.56 -6.95
C ILE A 113 10.14 15.84 -6.29
N ILE A 114 9.51 16.19 -5.16
CA ILE A 114 10.00 17.23 -4.28
C ILE A 114 10.71 16.54 -3.13
N LEU A 115 11.96 16.87 -2.91
CA LEU A 115 12.66 16.37 -1.73
C LEU A 115 12.37 17.32 -0.58
N VAL A 116 11.80 16.76 0.49
CA VAL A 116 11.39 17.56 1.65
C VAL A 116 12.15 17.13 2.90
N GLY A 117 12.85 18.07 3.49
CA GLY A 117 13.49 17.87 4.78
C GLY A 117 12.55 18.38 5.85
N ASN A 118 11.97 17.45 6.60
CA ASN A 118 11.03 17.80 7.69
C ASN A 118 11.72 18.02 9.02
N LYS A 119 10.98 18.60 9.96
CA LYS A 119 11.46 18.79 11.32
C LYS A 119 12.71 19.68 11.38
N LYS A 120 12.65 20.80 10.65
CA LYS A 120 13.81 21.67 10.53
C LYS A 120 14.00 22.52 11.79
N ASP A 121 12.93 22.65 12.57
CA ASP A 121 13.01 23.25 13.91
C ASP A 121 13.99 22.52 14.83
N LEU A 122 14.34 21.27 14.51
CA LEU A 122 15.24 20.48 15.35
C LEU A 122 16.72 20.55 14.96
N ARG A 123 17.05 21.28 13.89
CA ARG A 123 18.45 21.40 13.49
C ARG A 123 19.29 22.02 14.61
N ASN A 124 18.74 23.06 15.25
CA ASN A 124 19.46 23.75 16.32
CA ASN A 124 19.42 23.79 16.32
C ASN A 124 19.00 23.34 17.72
N ASP A 125 18.28 22.23 17.82
CA ASP A 125 17.79 21.71 19.11
C ASP A 125 18.88 20.91 19.81
N GLU A 126 19.21 21.32 21.04
CA GLU A 126 20.36 20.76 21.73
C GLU A 126 20.17 19.29 22.10
N HIS A 127 18.94 18.91 22.47
CA HIS A 127 18.65 17.50 22.81
C HIS A 127 18.91 16.62 21.60
N THR A 128 18.42 17.07 20.45
CA THR A 128 18.64 16.40 19.17
C THR A 128 20.14 16.28 18.90
N ARG A 129 20.87 17.39 19.05
CA ARG A 129 22.32 17.40 18.80
C ARG A 129 23.07 16.40 19.67
N ARG A 130 22.69 16.29 20.94
CA ARG A 130 23.32 15.34 21.85
C ARG A 130 22.97 13.89 21.50
N GLU A 131 21.69 13.61 21.22
CA GLU A 131 21.28 12.26 20.84
C GLU A 131 22.01 11.81 19.56
N LEU A 132 22.00 12.64 18.53
CA LEU A 132 22.67 12.28 17.27
C LEU A 132 24.18 12.11 17.48
N ALA A 133 24.75 12.88 18.40
CA ALA A 133 26.20 12.90 18.62
C ALA A 133 26.72 11.61 19.26
N LYS A 134 25.83 10.87 19.91
CA LYS A 134 26.16 9.53 20.42
C LYS A 134 26.72 8.63 19.32
N MET A 135 26.22 8.81 18.10
CA MET A 135 26.62 8.01 16.95
C MET A 135 27.50 8.81 15.99
N LYS A 136 28.16 9.83 16.52
CA LYS A 136 28.97 10.74 15.75
C LYS A 136 28.22 11.27 14.51
N GLN A 137 26.94 11.54 14.70
CA GLN A 137 26.10 12.13 13.68
C GLN A 137 25.70 13.53 14.09
N GLU A 138 25.15 14.28 13.14
CA GLU A 138 24.55 15.58 13.41
C GLU A 138 23.37 15.82 12.48
N PRO A 139 22.61 16.90 12.72
CA PRO A 139 21.47 17.17 11.84
C PRO A 139 21.88 17.36 10.40
N VAL A 140 20.97 17.05 9.48
CA VAL A 140 21.23 17.19 8.06
C VAL A 140 21.39 18.67 7.77
N LYS A 141 22.39 19.02 6.96
CA LYS A 141 22.64 20.40 6.60
C LYS A 141 21.86 20.72 5.33
N PRO A 142 21.44 21.99 5.18
CA PRO A 142 20.69 22.38 3.99
C PRO A 142 21.38 21.99 2.69
N GLU A 143 22.71 22.07 2.64
CA GLU A 143 23.47 21.77 1.42
C GLU A 143 23.45 20.27 1.11
N GLU A 144 23.50 19.44 2.16
CA GLU A 144 23.39 18.01 1.98
C GLU A 144 22.03 17.67 1.35
N GLY A 145 21.00 18.42 1.74
CA GLY A 145 19.65 18.22 1.22
C GLY A 145 19.57 18.59 -0.26
N ARG A 146 20.05 19.78 -0.58
CA ARG A 146 20.12 20.23 -1.97
C ARG A 146 20.93 19.28 -2.85
N ASP A 147 22.08 18.82 -2.35
CA ASP A 147 22.92 17.89 -3.11
C ASP A 147 22.16 16.56 -3.38
N MET A 148 21.42 16.08 -2.39
CA MET A 148 20.65 14.86 -2.59
C MET A 148 19.56 15.08 -3.63
N ALA A 149 18.85 16.20 -3.54
CA ALA A 149 17.83 16.56 -4.52
C ALA A 149 18.41 16.46 -5.94
N ASN A 150 19.60 16.99 -6.13
CA ASN A 150 20.29 16.90 -7.42
C ASN A 150 20.68 15.49 -7.84
N ARG A 151 21.22 14.70 -6.91
CA ARG A 151 21.61 13.33 -7.21
C ARG A 151 20.44 12.39 -7.54
N ILE A 152 19.22 12.71 -7.08
CA ILE A 152 18.04 11.88 -7.40
C ILE A 152 17.14 12.50 -8.45
N GLY A 153 17.49 13.68 -8.94
CA GLY A 153 16.77 14.30 -10.05
C GLY A 153 15.49 14.98 -9.60
N ALA A 154 15.47 15.44 -8.35
CA ALA A 154 14.26 16.05 -7.81
C ALA A 154 13.93 17.36 -8.52
N PHE A 155 12.65 17.65 -8.67
CA PHE A 155 12.19 18.94 -9.17
C PHE A 155 12.74 20.07 -8.27
N GLY A 156 12.89 19.80 -6.98
CA GLY A 156 13.44 20.78 -6.05
C GLY A 156 13.60 20.28 -4.61
N TYR A 157 14.19 21.13 -3.78
CA TYR A 157 14.40 20.83 -2.38
C TYR A 157 13.69 21.88 -1.55
N MET A 158 13.00 21.42 -0.50
CA MET A 158 12.31 22.30 0.44
C MET A 158 12.48 21.78 1.85
N GLU A 159 12.70 22.70 2.78
CA GLU A 159 12.73 22.36 4.19
C GLU A 159 11.51 22.94 4.85
N CYS A 160 11.01 22.25 5.87
CA CYS A 160 9.87 22.75 6.62
C CYS A 160 9.83 22.24 8.05
N SER A 161 9.02 22.90 8.86
CA SER A 161 8.66 22.42 10.18
C SER A 161 7.14 22.40 10.29
N ALA A 162 6.57 21.24 10.54
CA ALA A 162 5.14 21.10 10.80
C ALA A 162 4.74 21.72 12.15
N LYS A 163 5.66 21.68 13.11
CA LYS A 163 5.44 22.29 14.42
C LYS A 163 5.23 23.79 14.30
N THR A 164 6.15 24.49 13.64
CA THR A 164 6.07 25.94 13.48
C THR A 164 5.30 26.37 12.24
N LYS A 165 4.99 25.42 11.35
CA LYS A 165 4.40 25.68 10.03
C LYS A 165 5.35 26.42 9.07
N ASP A 166 6.59 26.65 9.48
CA ASP A 166 7.56 27.35 8.65
C ASP A 166 7.92 26.47 7.46
N GLY A 167 7.78 27.00 6.25
CA GLY A 167 8.12 26.30 5.03
C GLY A 167 7.06 25.37 4.47
N VAL A 168 5.93 25.23 5.15
CA VAL A 168 4.90 24.26 4.75
C VAL A 168 4.19 24.71 3.47
N ARG A 169 3.73 25.96 3.43
CA ARG A 169 3.03 26.50 2.26
C ARG A 169 3.89 26.41 0.99
N GLU A 170 5.19 26.64 1.13
CA GLU A 170 6.11 26.63 -0.01
C GLU A 170 6.30 25.22 -0.57
N VAL A 171 6.29 24.21 0.29
CA VAL A 171 6.39 22.81 -0.14
C VAL A 171 5.24 22.45 -1.10
N PHE A 172 4.01 22.80 -0.73
CA PHE A 172 2.84 22.46 -1.54
C PHE A 172 2.66 23.37 -2.77
N GLU A 173 3.11 24.61 -2.68
CA GLU A 173 3.15 25.51 -3.84
C GLU A 173 4.13 25.01 -4.89
N MET A 174 5.29 24.54 -4.43
CA MET A 174 6.26 23.95 -5.34
C MET A 174 5.69 22.66 -5.96
N ALA A 175 5.20 21.78 -5.10
CA ALA A 175 4.62 20.52 -5.56
C ALA A 175 3.56 20.75 -6.64
N THR A 176 2.75 21.80 -6.46
CA THR A 176 1.71 22.14 -7.41
C THR A 176 2.31 22.53 -8.77
N ARG A 177 3.33 23.40 -8.74
CA ARG A 177 4.04 23.78 -9.96
C ARG A 177 4.59 22.55 -10.69
N ALA A 178 5.21 21.65 -9.94
CA ALA A 178 5.73 20.42 -10.53
C ALA A 178 4.61 19.63 -11.20
N ALA A 179 3.46 19.54 -10.55
CA ALA A 179 2.32 18.78 -11.05
C ALA A 179 1.74 19.35 -12.34
N LEU A 180 1.85 20.67 -12.51
CA LEU A 180 1.33 21.36 -13.70
C LEU A 180 2.22 21.25 -14.94
N GLN A 181 3.43 20.72 -14.79
CA GLN A 181 4.37 20.58 -15.90
C GLN A 181 3.96 19.39 -16.79
N ALA A 182 4.66 19.21 -17.92
CA ALA A 182 4.39 18.08 -18.82
C ALA A 182 5.67 17.56 -19.46
N SER B 1 -28.81 12.27 17.46
CA SER B 1 -28.10 11.23 16.65
C SER B 1 -26.59 11.34 16.80
N MET B 2 -25.89 10.22 16.68
CA MET B 2 -24.43 10.22 16.78
C MET B 2 -23.75 10.78 15.53
N SER B 3 -24.31 10.50 14.35
CA SER B 3 -23.82 11.06 13.10
C SER B 3 -23.73 12.59 13.16
N LYS B 4 -24.76 13.22 13.73
CA LYS B 4 -24.77 14.67 13.94
C LYS B 4 -23.73 15.10 14.98
N GLN B 5 -23.64 14.37 16.09
CA GLN B 5 -22.64 14.64 17.12
C GLN B 5 -21.22 14.46 16.59
N LEU B 6 -21.03 13.50 15.69
CA LEU B 6 -19.71 13.19 15.13
C LEU B 6 -19.23 14.22 14.12
N GLU B 7 -20.03 15.25 13.84
CA GLU B 7 -19.54 16.42 13.10
C GLU B 7 -18.48 17.17 13.91
N ALA B 8 -18.53 17.03 15.24
CA ALA B 8 -17.52 17.62 16.12
C ALA B 8 -16.11 17.23 15.74
N GLU B 9 -15.25 18.24 15.58
CA GLU B 9 -13.89 18.05 15.06
C GLU B 9 -12.98 17.31 16.05
N SER B 10 -13.34 17.32 17.33
CA SER B 10 -12.53 16.70 18.38
C SER B 10 -13.39 16.32 19.58
N TRP B 11 -12.86 15.43 20.41
CA TRP B 11 -13.51 15.05 21.67
C TRP B 11 -13.75 16.26 22.57
N SER B 12 -12.79 17.17 22.60
CA SER B 12 -12.88 18.35 23.45
C SER B 12 -14.01 19.30 23.04
N ARG B 13 -14.49 19.15 21.81
CA ARG B 13 -15.61 19.97 21.31
C ARG B 13 -16.97 19.26 21.30
N ILE B 14 -16.97 17.92 21.31
CA ILE B 14 -18.22 17.15 21.34
C ILE B 14 -18.82 17.12 22.76
N ILE B 15 -17.96 17.18 23.78
CA ILE B 15 -18.39 17.28 25.18
C ILE B 15 -18.67 18.72 25.61
N ASP B 16 -19.34 18.89 26.74
CA ASP B 16 -19.62 20.21 27.30
C ASP B 16 -18.34 20.92 27.71
N SER B 17 -18.33 22.24 27.64
CA SER B 17 -17.19 23.04 28.08
C SER B 17 -16.88 22.83 29.57
N LYS B 18 -17.93 22.75 30.39
CA LYS B 18 -17.78 22.53 31.83
C LYS B 18 -17.08 21.19 32.12
N PHE B 19 -17.52 20.15 31.43
CA PHE B 19 -16.98 18.79 31.61
C PHE B 19 -15.53 18.69 31.14
N LEU B 20 -15.20 19.41 30.08
CA LEU B 20 -13.84 19.44 29.55
C LEU B 20 -12.86 19.98 30.59
N LYS B 21 -13.26 21.06 31.26
CA LYS B 21 -12.42 21.73 32.26
C LYS B 21 -12.04 20.85 33.45
N GLN B 22 -12.84 19.82 33.74
CA GLN B 22 -12.60 18.95 34.90
C GLN B 22 -11.55 17.84 34.67
N GLN B 23 -11.00 17.72 33.46
CA GLN B 23 -10.15 16.59 33.08
C GLN B 23 -8.66 16.97 33.00
N LYS B 24 -7.79 16.03 33.35
CA LYS B 24 -6.34 16.21 33.20
C LYS B 24 -5.92 16.19 31.72
N LYS B 25 -4.73 16.72 31.42
CA LYS B 25 -4.21 16.75 30.04
C LYS B 25 -4.08 15.35 29.45
N ASP B 26 -3.42 14.45 30.17
CA ASP B 26 -3.21 13.09 29.66
C ASP B 26 -4.51 12.31 29.44
N VAL B 27 -5.55 12.65 30.19
CA VAL B 27 -6.89 12.08 29.97
C VAL B 27 -7.46 12.62 28.65
N VAL B 28 -7.37 13.94 28.47
CA VAL B 28 -7.90 14.59 27.27
C VAL B 28 -7.22 14.02 26.04
N LYS B 29 -5.90 13.89 26.11
CA LYS B 29 -5.14 13.32 25.02
C LYS B 29 -5.59 11.91 24.66
N ARG B 30 -5.74 11.05 25.67
CA ARG B 30 -6.12 9.67 25.41
C ARG B 30 -7.51 9.56 24.78
N GLN B 31 -8.46 10.37 25.25
CA GLN B 31 -9.81 10.38 24.69
C GLN B 31 -9.84 10.95 23.26
N GLU B 32 -8.89 11.81 22.96
CA GLU B 32 -8.78 12.44 21.65
C GLU B 32 -8.39 11.39 20.61
N VAL B 33 -7.48 10.50 20.98
CA VAL B 33 -7.08 9.42 20.09
C VAL B 33 -8.21 8.40 19.89
N ILE B 34 -8.93 8.08 20.96
CA ILE B 34 -10.02 7.11 20.89
C ILE B 34 -11.14 7.69 20.04
N TYR B 35 -11.46 8.96 20.27
CA TYR B 35 -12.43 9.66 19.44
C TYR B 35 -12.02 9.63 17.95
N GLU B 36 -10.74 9.79 17.68
CA GLU B 36 -10.26 9.78 16.30
C GLU B 36 -10.48 8.39 15.67
N LEU B 37 -10.15 7.32 16.38
CA LEU B 37 -10.46 5.98 15.91
C LEU B 37 -11.95 5.89 15.57
N MET B 38 -12.77 6.28 16.54
CA MET B 38 -14.22 6.21 16.41
C MET B 38 -14.73 7.00 15.22
N GLN B 39 -14.27 8.24 15.10
CA GLN B 39 -14.74 9.13 14.06
C GLN B 39 -14.22 8.75 12.68
N THR B 40 -12.98 8.26 12.58
CA THR B 40 -12.47 7.83 11.29
C THR B 40 -13.11 6.51 10.87
N GLU B 41 -13.56 5.73 11.85
CA GLU B 41 -14.30 4.51 11.55
C GLU B 41 -15.69 4.87 11.03
N PHE B 42 -16.33 5.84 11.69
CA PHE B 42 -17.55 6.45 11.17
C PHE B 42 -17.37 6.89 9.71
N HIS B 43 -16.32 7.67 9.44
CA HIS B 43 -16.04 8.13 8.07
C HIS B 43 -15.86 6.99 7.06
N HIS B 44 -15.17 5.95 7.48
CA HIS B 44 -14.92 4.79 6.65
C HIS B 44 -16.23 4.08 6.29
N VAL B 45 -17.10 3.89 7.29
CA VAL B 45 -18.41 3.29 7.05
C VAL B 45 -19.21 4.13 6.07
N ARG B 46 -19.19 5.45 6.24
CA ARG B 46 -19.87 6.35 5.32
C ARG B 46 -19.32 6.23 3.89
N THR B 47 -18.01 6.09 3.76
CA THR B 47 -17.38 5.91 2.46
C THR B 47 -17.88 4.62 1.83
N LEU B 48 -17.84 3.52 2.57
CA LEU B 48 -18.35 2.26 2.07
C LEU B 48 -19.82 2.40 1.63
N LYS B 49 -20.61 3.12 2.41
CA LYS B 49 -22.04 3.30 2.12
C LYS B 49 -22.31 4.17 0.90
N ILE B 50 -21.43 5.12 0.61
CA ILE B 50 -21.49 5.86 -0.65
C ILE B 50 -21.16 4.94 -1.83
N MET B 51 -20.16 4.08 -1.67
CA MET B 51 -19.80 3.13 -2.71
C MET B 51 -20.98 2.24 -3.04
N SER B 52 -21.70 1.81 -2.00
CA SER B 52 -22.85 0.94 -2.18
C SER B 52 -24.13 1.68 -2.58
N GLY B 53 -24.50 2.69 -1.78
CA GLY B 53 -25.78 3.39 -1.94
C GLY B 53 -25.87 4.37 -3.09
N VAL B 54 -24.75 4.98 -3.45
CA VAL B 54 -24.71 5.95 -4.56
C VAL B 54 -24.16 5.31 -5.82
N TYR B 55 -22.90 4.87 -5.78
CA TYR B 55 -22.25 4.35 -6.99
C TYR B 55 -22.79 3.01 -7.48
N SER B 56 -22.70 2.00 -6.63
CA SER B 56 -23.12 0.65 -7.00
C SER B 56 -24.59 0.63 -7.40
N GLN B 57 -25.45 1.17 -6.53
CA GLN B 57 -26.89 1.23 -6.81
C GLN B 57 -27.21 1.96 -8.12
N GLY B 58 -26.53 3.07 -8.39
CA GLY B 58 -26.76 3.85 -9.61
C GLY B 58 -26.29 3.14 -10.87
N MET B 59 -25.14 2.49 -10.80
CA MET B 59 -24.65 1.69 -11.91
C MET B 59 -25.62 0.58 -12.30
N MET B 60 -26.16 -0.10 -11.29
CA MET B 60 -27.11 -1.19 -11.53
C MET B 60 -28.41 -0.67 -12.12
N ALA B 61 -28.89 0.47 -11.64
CA ALA B 61 -30.17 1.01 -12.06
C ALA B 61 -30.08 1.79 -13.37
N ASP B 62 -29.07 2.63 -13.51
CA ASP B 62 -28.97 3.49 -14.69
C ASP B 62 -28.23 2.83 -15.86
N LEU B 63 -27.15 2.10 -15.56
CA LEU B 63 -26.33 1.47 -16.60
C LEU B 63 -26.61 -0.04 -16.75
N LEU B 64 -27.54 -0.54 -15.94
CA LEU B 64 -27.94 -1.95 -15.94
C LEU B 64 -26.76 -2.89 -15.70
N PHE B 65 -25.82 -2.45 -14.90
CA PHE B 65 -24.76 -3.34 -14.41
C PHE B 65 -25.39 -4.47 -13.63
N GLU B 66 -24.98 -5.70 -13.91
CA GLU B 66 -25.30 -6.82 -13.05
C GLU B 66 -24.44 -6.73 -11.77
N GLN B 67 -24.89 -7.46 -10.75
CA GLN B 67 -24.16 -7.57 -9.49
C GLN B 67 -22.68 -7.79 -9.71
N GLN B 68 -22.37 -8.68 -10.64
CA GLN B 68 -21.02 -9.17 -10.84
C GLN B 68 -20.12 -8.14 -11.53
N MET B 69 -20.70 -7.19 -12.26
CA MET B 69 -19.92 -6.06 -12.79
C MET B 69 -19.49 -5.11 -11.68
N VAL B 70 -20.39 -4.88 -10.72
CA VAL B 70 -20.06 -3.98 -9.61
C VAL B 70 -18.93 -4.57 -8.75
N GLU B 71 -18.91 -5.89 -8.61
CA GLU B 71 -17.82 -6.60 -7.92
C GLU B 71 -16.43 -6.42 -8.55
N LYS B 72 -16.39 -6.07 -9.84
CA LYS B 72 -15.11 -5.79 -10.51
C LYS B 72 -14.54 -4.42 -10.10
N LEU B 73 -15.41 -3.51 -9.67
CA LEU B 73 -15.00 -2.21 -9.15
C LEU B 73 -14.86 -2.23 -7.63
N PHE B 74 -15.87 -2.80 -6.96
CA PHE B 74 -15.97 -2.81 -5.51
C PHE B 74 -16.11 -4.21 -4.94
N PRO B 75 -15.08 -5.06 -5.06
CA PRO B 75 -15.25 -6.42 -4.56
C PRO B 75 -15.51 -6.50 -3.04
N CYS B 76 -16.35 -7.45 -2.64
CA CYS B 76 -16.68 -7.72 -1.24
C CYS B 76 -17.26 -6.52 -0.51
N LEU B 77 -17.90 -5.60 -1.24
CA LEU B 77 -18.38 -4.39 -0.61
C LEU B 77 -19.40 -4.68 0.50
N ASP B 78 -20.33 -5.62 0.26
CA ASP B 78 -21.37 -5.92 1.26
C ASP B 78 -20.75 -6.42 2.56
N GLU B 79 -19.80 -7.33 2.42
CA GLU B 79 -19.09 -7.92 3.53
C GLU B 79 -18.27 -6.86 4.30
N LEU B 80 -17.61 -5.96 3.57
CA LEU B 80 -16.92 -4.82 4.19
C LEU B 80 -17.87 -3.92 4.98
N ILE B 81 -19.07 -3.70 4.44
CA ILE B 81 -20.06 -2.87 5.11
C ILE B 81 -20.50 -3.59 6.39
N SER B 82 -20.64 -4.90 6.31
CA SER B 82 -21.06 -5.68 7.46
C SER B 82 -20.00 -5.69 8.58
N ILE B 83 -18.74 -5.87 8.20
CA ILE B 83 -17.63 -5.91 9.15
C ILE B 83 -17.51 -4.59 9.91
N HIS B 84 -17.52 -3.49 9.17
CA HIS B 84 -17.24 -2.18 9.75
C HIS B 84 -18.44 -1.53 10.39
N SER B 85 -19.64 -1.83 9.90
CA SER B 85 -20.86 -1.42 10.61
C SER B 85 -20.90 -2.02 11.99
N GLN B 86 -20.59 -3.31 12.08
CA GLN B 86 -20.57 -4.04 13.34
C GLN B 86 -19.44 -3.52 14.26
N PHE B 87 -18.24 -3.35 13.72
CA PHE B 87 -17.12 -2.81 14.50
C PHE B 87 -17.51 -1.46 15.06
N PHE B 88 -17.98 -0.58 14.19
CA PHE B 88 -18.40 0.75 14.61
C PHE B 88 -19.47 0.71 15.72
N GLN B 89 -20.46 -0.17 15.59
CA GLN B 89 -21.52 -0.23 16.59
C GLN B 89 -20.99 -0.70 17.93
N ARG B 90 -20.04 -1.64 17.92
CA ARG B 90 -19.36 -2.06 19.15
C ARG B 90 -18.66 -0.88 19.82
N ILE B 91 -18.05 0.01 19.04
CA ILE B 91 -17.43 1.23 19.55
C ILE B 91 -18.49 2.17 20.13
N LEU B 92 -19.61 2.32 19.44
CA LEU B 92 -20.71 3.13 19.95
C LEU B 92 -21.30 2.58 21.25
N GLU B 93 -21.39 1.26 21.34
CA GLU B 93 -21.89 0.60 22.55
C GLU B 93 -21.01 0.95 23.74
N ARG B 94 -19.70 0.85 23.55
CA ARG B 94 -18.77 1.16 24.61
C ARG B 94 -18.85 2.64 24.95
N LYS B 95 -19.02 3.49 23.92
CA LYS B 95 -19.19 4.92 24.16
C LYS B 95 -20.43 5.18 25.02
N LYS B 96 -21.55 4.58 24.64
CA LYS B 96 -22.81 4.79 25.31
C LYS B 96 -22.70 4.40 26.78
N GLU B 97 -21.99 3.32 27.07
CA GLU B 97 -21.82 2.91 28.45
C GLU B 97 -20.65 3.61 29.17
N SER B 98 -20.07 4.59 28.49
CA SER B 98 -19.05 5.45 29.07
C SER B 98 -19.56 6.88 29.31
N LEU B 99 -20.85 7.14 29.07
CA LEU B 99 -21.42 8.45 29.34
C LEU B 99 -21.33 8.79 30.85
N VAL B 100 -21.39 10.08 31.18
CA VAL B 100 -21.25 10.51 32.57
C VAL B 100 -22.53 11.16 33.07
N ASP B 101 -23.10 10.58 34.13
CA ASP B 101 -24.36 11.05 34.73
C ASP B 101 -25.55 10.80 33.78
N LYS B 102 -26.52 11.71 33.74
CA LYS B 102 -27.63 11.60 32.81
C LYS B 102 -27.31 12.25 31.45
N SER B 103 -26.10 12.78 31.31
CA SER B 103 -25.69 13.40 30.05
C SER B 103 -25.67 12.40 28.89
N GLU B 104 -26.09 12.86 27.72
CA GLU B 104 -25.95 12.07 26.49
C GLU B 104 -24.87 12.66 25.58
N LYS B 105 -24.18 13.70 26.04
CA LYS B 105 -23.08 14.36 25.31
C LYS B 105 -21.71 13.93 25.85
N ASN B 106 -21.54 14.05 27.17
CA ASN B 106 -20.24 13.83 27.80
C ASN B 106 -19.95 12.36 28.05
N PHE B 107 -18.88 11.85 27.45
CA PHE B 107 -18.44 10.49 27.69
C PHE B 107 -16.94 10.41 27.92
N LEU B 108 -16.52 9.36 28.60
CA LEU B 108 -15.13 9.13 28.90
C LEU B 108 -14.87 7.63 28.86
N ILE B 109 -14.23 7.18 27.80
CA ILE B 109 -13.99 5.75 27.59
C ILE B 109 -12.73 5.32 28.32
N LYS B 110 -12.92 4.62 29.44
CA LYS B 110 -11.81 4.13 30.23
C LYS B 110 -11.19 2.93 29.56
N ARG B 111 -12.00 2.16 28.85
CA ARG B 111 -11.56 0.89 28.32
C ARG B 111 -12.05 0.66 26.88
N ILE B 112 -11.11 0.54 25.94
CA ILE B 112 -11.39 0.20 24.55
C ILE B 112 -10.66 -1.07 24.07
N GLY B 113 -9.61 -1.47 24.77
CA GLY B 113 -8.74 -2.56 24.33
C GLY B 113 -9.45 -3.86 24.02
N ASP B 114 -10.39 -4.25 24.88
CA ASP B 114 -11.12 -5.50 24.69
C ASP B 114 -11.96 -5.51 23.40
N VAL B 115 -12.51 -4.35 23.03
CA VAL B 115 -13.30 -4.22 21.80
C VAL B 115 -12.40 -4.49 20.61
N LEU B 116 -11.16 -4.01 20.69
CA LEU B 116 -10.21 -4.15 19.59
C LEU B 116 -9.69 -5.58 19.46
N VAL B 117 -9.36 -6.22 20.59
CA VAL B 117 -8.90 -7.60 20.56
C VAL B 117 -9.96 -8.51 19.92
N ASN B 118 -11.23 -8.25 20.22
CA ASN B 118 -12.32 -9.03 19.68
C ASN B 118 -12.46 -8.89 18.17
N GLN B 119 -12.42 -7.65 17.69
CA GLN B 119 -12.54 -7.36 16.27
C GLN B 119 -11.36 -7.93 15.46
N PHE B 120 -10.19 -8.07 16.09
CA PHE B 120 -9.00 -8.48 15.36
C PHE B 120 -8.45 -9.84 15.74
N SER B 121 -9.33 -10.71 16.23
CA SER B 121 -8.97 -12.10 16.55
C SER B 121 -10.07 -13.05 16.11
N GLY B 122 -9.77 -14.35 16.17
CA GLY B 122 -10.72 -15.40 15.83
C GLY B 122 -11.29 -15.25 14.43
N GLU B 123 -12.59 -15.50 14.32
CA GLU B 123 -13.29 -15.46 13.06
C GLU B 123 -13.39 -14.04 12.50
N ASN B 124 -13.45 -13.03 13.36
CA ASN B 124 -13.46 -11.66 12.89
C ASN B 124 -12.17 -11.32 12.12
N ALA B 125 -11.04 -11.82 12.62
CA ALA B 125 -9.75 -11.61 11.97
C ALA B 125 -9.70 -12.29 10.61
N GLU B 126 -10.19 -13.53 10.55
CA GLU B 126 -10.22 -14.29 9.29
C GLU B 126 -11.05 -13.60 8.23
N ARG B 127 -12.19 -13.07 8.65
CA ARG B 127 -13.04 -12.28 7.76
C ARG B 127 -12.31 -11.05 7.21
N LEU B 128 -11.57 -10.35 8.08
CA LEU B 128 -10.77 -9.20 7.65
C LEU B 128 -9.68 -9.60 6.66
N LYS B 129 -9.00 -10.71 6.93
CA LYS B 129 -7.94 -11.18 6.05
C LYS B 129 -8.49 -11.51 4.69
N LYS B 130 -9.56 -12.31 4.67
CA LYS B 130 -10.18 -12.75 3.44
C LYS B 130 -10.68 -11.57 2.63
N THR B 131 -11.36 -10.64 3.29
CA THR B 131 -11.99 -9.52 2.61
C THR B 131 -10.99 -8.49 2.07
N TYR B 132 -10.05 -8.08 2.90
CA TYR B 132 -9.04 -7.12 2.45
C TYR B 132 -8.04 -7.77 1.52
N GLY B 133 -7.78 -9.05 1.70
CA GLY B 133 -6.90 -9.79 0.80
C GLY B 133 -7.41 -9.77 -0.63
N LYS B 134 -8.74 -9.93 -0.78
CA LYS B 134 -9.39 -9.88 -2.08
C LYS B 134 -9.52 -8.45 -2.60
N PHE B 135 -9.93 -7.52 -1.73
CA PHE B 135 -10.12 -6.14 -2.16
C PHE B 135 -8.79 -5.50 -2.56
N CYS B 136 -7.78 -5.66 -1.72
CA CYS B 136 -6.46 -5.08 -2.02
C CYS B 136 -5.78 -5.86 -3.13
N GLY B 137 -5.92 -7.18 -3.14
CA GLY B 137 -5.38 -8.02 -4.20
C GLY B 137 -5.92 -7.69 -5.59
N GLN B 138 -7.12 -7.11 -5.65
CA GLN B 138 -7.74 -6.74 -6.92
C GLN B 138 -7.73 -5.22 -7.11
N HIS B 139 -7.23 -4.48 -6.11
CA HIS B 139 -7.23 -3.02 -6.14
C HIS B 139 -6.84 -2.41 -7.51
N ASN B 140 -5.67 -2.77 -8.04
CA ASN B 140 -5.24 -2.21 -9.33
C ASN B 140 -6.15 -2.57 -10.48
N GLN B 141 -6.62 -3.81 -10.54
CA GLN B 141 -7.62 -4.20 -11.56
C GLN B 141 -8.90 -3.40 -11.41
N SER B 142 -9.32 -3.17 -10.17
CA SER B 142 -10.52 -2.39 -9.92
C SER B 142 -10.38 -0.98 -10.48
N VAL B 143 -9.26 -0.33 -10.17
CA VAL B 143 -9.03 1.02 -10.68
C VAL B 143 -8.88 1.03 -12.21
N ASN B 144 -8.18 0.03 -12.75
CA ASN B 144 -7.97 -0.06 -14.18
C ASN B 144 -9.29 -0.26 -14.93
N TYR B 145 -10.16 -1.06 -14.34
CA TYR B 145 -11.50 -1.25 -14.87
C TYR B 145 -12.27 0.06 -14.85
N PHE B 146 -12.22 0.80 -13.76
CA PHE B 146 -12.85 2.12 -13.74
C PHE B 146 -12.31 3.00 -14.87
N LYS B 147 -10.99 3.06 -15.02
CA LYS B 147 -10.40 3.96 -15.98
C LYS B 147 -10.79 3.61 -17.43
N ASP B 148 -10.82 2.32 -17.74
CA ASP B 148 -11.23 1.86 -19.08
C ASP B 148 -12.72 2.19 -19.34
N LEU B 149 -13.58 1.94 -18.35
CA LEU B 149 -14.99 2.34 -18.48
C LEU B 149 -15.13 3.84 -18.66
N TYR B 150 -14.45 4.63 -17.82
CA TYR B 150 -14.54 6.09 -17.90
C TYR B 150 -14.04 6.62 -19.25
N ALA B 151 -12.92 6.08 -19.73
CA ALA B 151 -12.33 6.52 -20.98
C ALA B 151 -13.13 6.13 -22.22
N LYS B 152 -13.72 4.94 -22.22
CA LYS B 152 -14.30 4.38 -23.43
C LYS B 152 -15.82 4.18 -23.44
N ASP B 153 -16.44 4.01 -22.27
CA ASP B 153 -17.90 3.84 -22.19
C ASP B 153 -18.58 5.19 -21.99
N LYS B 154 -19.16 5.73 -23.05
CA LYS B 154 -19.76 7.06 -23.04
C LYS B 154 -20.82 7.21 -21.94
N ARG B 155 -21.62 6.17 -21.76
CA ARG B 155 -22.71 6.19 -20.78
C ARG B 155 -22.14 6.21 -19.35
N PHE B 156 -21.15 5.36 -19.10
CA PHE B 156 -20.47 5.32 -17.81
C PHE B 156 -19.84 6.65 -17.45
N GLN B 157 -19.20 7.30 -18.42
CA GLN B 157 -18.58 8.59 -18.18
C GLN B 157 -19.63 9.62 -17.78
N ALA B 158 -20.71 9.69 -18.54
CA ALA B 158 -21.80 10.63 -18.28
C ALA B 158 -22.36 10.43 -16.87
N PHE B 159 -22.55 9.17 -16.50
CA PHE B 159 -23.02 8.79 -15.17
C PHE B 159 -22.08 9.31 -14.08
N VAL B 160 -20.79 9.09 -14.25
CA VAL B 160 -19.82 9.46 -13.23
C VAL B 160 -19.78 10.98 -13.07
N LYS B 161 -19.75 11.71 -14.17
CA LYS B 161 -19.78 13.17 -14.14
C LYS B 161 -21.02 13.71 -13.42
N LYS B 162 -22.18 13.09 -13.64
CA LYS B 162 -23.40 13.50 -12.93
C LYS B 162 -23.28 13.29 -11.41
N LYS B 163 -22.74 12.14 -10.99
CA LYS B 163 -22.54 11.88 -9.55
C LYS B 163 -21.59 12.89 -8.94
N MET B 164 -20.43 13.09 -9.57
CA MET B 164 -19.44 14.04 -9.06
C MET B 164 -20.03 15.44 -9.04
N SER B 165 -20.90 15.73 -9.99
CA SER B 165 -21.50 17.05 -10.07
C SER B 165 -22.42 17.41 -8.89
N SER B 166 -23.10 16.42 -8.31
CA SER B 166 -24.18 16.70 -7.36
C SER B 166 -24.26 15.82 -6.11
N SER B 167 -24.12 14.52 -6.27
CA SER B 167 -24.37 13.59 -5.16
C SER B 167 -23.26 13.54 -4.09
N VAL B 168 -22.00 13.53 -4.52
CA VAL B 168 -20.87 13.20 -3.63
C VAL B 168 -19.67 14.13 -3.81
N VAL B 169 -18.91 14.28 -2.72
CA VAL B 169 -17.74 15.14 -2.67
C VAL B 169 -16.55 14.65 -3.51
N ARG B 170 -15.66 15.60 -3.81
CA ARG B 170 -14.50 15.36 -4.65
C ARG B 170 -13.63 14.24 -4.08
N ARG B 171 -13.34 14.33 -2.78
CA ARG B 171 -12.64 13.29 -2.01
C ARG B 171 -13.14 11.86 -2.24
N LEU B 172 -14.35 11.72 -2.77
CA LEU B 172 -14.97 10.42 -2.91
C LEU B 172 -15.46 10.15 -4.34
N GLY B 173 -14.55 10.30 -5.30
CA GLY B 173 -14.74 9.69 -6.61
C GLY B 173 -14.41 8.21 -6.48
N ILE B 174 -14.63 7.45 -7.55
CA ILE B 174 -14.60 5.98 -7.46
C ILE B 174 -13.23 5.40 -7.14
N PRO B 175 -12.18 5.81 -7.86
CA PRO B 175 -10.83 5.34 -7.51
C PRO B 175 -10.37 5.83 -6.14
N GLU B 176 -10.78 7.05 -5.76
CA GLU B 176 -10.46 7.63 -4.47
C GLU B 176 -11.11 6.81 -3.35
N CYS B 177 -12.36 6.39 -3.56
CA CYS B 177 -13.03 5.51 -2.61
C CYS B 177 -12.28 4.19 -2.46
N ILE B 178 -11.85 3.64 -3.58
CA ILE B 178 -11.11 2.38 -3.56
C ILE B 178 -9.82 2.53 -2.75
N LEU B 179 -9.08 3.63 -2.96
CA LEU B 179 -7.84 3.85 -2.22
C LEU B 179 -8.10 4.15 -0.74
N LEU B 180 -9.15 4.89 -0.43
CA LEU B 180 -9.57 5.08 0.97
C LEU B 180 -9.80 3.75 1.70
N VAL B 181 -10.46 2.81 1.04
CA VAL B 181 -10.71 1.50 1.64
C VAL B 181 -9.42 0.73 1.82
N THR B 182 -8.63 0.65 0.75
CA THR B 182 -7.34 -0.06 0.83
C THR B 182 -6.43 0.52 1.91
N GLN B 183 -6.48 1.84 2.11
CA GLN B 183 -5.64 2.48 3.11
C GLN B 183 -6.17 2.35 4.55
N ARG B 184 -7.45 2.07 4.72
CA ARG B 184 -8.03 2.00 6.07
C ARG B 184 -7.31 1.05 7.01
N ILE B 185 -7.07 -0.16 6.54
CA ILE B 185 -6.57 -1.22 7.40
C ILE B 185 -5.20 -0.94 8.01
N THR B 186 -4.35 -0.24 7.26
CA THR B 186 -3.04 0.15 7.77
C THR B 186 -3.08 1.41 8.64
N LYS B 187 -4.25 2.04 8.78
CA LYS B 187 -4.41 3.12 9.77
C LYS B 187 -4.52 2.56 11.21
N TYR B 188 -5.02 1.34 11.37
CA TYR B 188 -5.31 0.81 12.71
C TYR B 188 -4.09 0.69 13.65
N PRO B 189 -2.96 0.12 13.17
CA PRO B 189 -1.78 0.00 14.04
C PRO B 189 -1.30 1.32 14.60
N VAL B 190 -1.36 2.38 13.80
CA VAL B 190 -0.88 3.67 14.27
C VAL B 190 -1.79 4.17 15.40
N LEU B 191 -3.11 4.09 15.18
CA LEU B 191 -4.09 4.53 16.17
C LEU B 191 -4.04 3.74 17.48
N PHE B 192 -3.94 2.42 17.37
CA PHE B 192 -3.92 1.53 18.53
C PHE B 192 -2.64 1.76 19.33
N GLN B 193 -1.55 1.97 18.60
CA GLN B 193 -0.25 2.15 19.22
C GLN B 193 -0.25 3.47 19.99
N ARG B 194 -0.82 4.52 19.41
CA ARG B 194 -0.89 5.78 20.12
C ARG B 194 -1.81 5.71 21.34
N ILE B 195 -2.92 4.97 21.25
CA ILE B 195 -3.79 4.83 22.41
C ILE B 195 -3.04 4.13 23.57
N LEU B 196 -2.31 3.06 23.23
CA LEU B 196 -1.52 2.31 24.18
C LEU B 196 -0.56 3.25 24.91
N GLN B 197 0.26 3.99 24.16
CA GLN B 197 1.21 4.88 24.80
C GLN B 197 0.55 6.04 25.55
N CYS B 198 -0.70 6.36 25.24
CA CYS B 198 -1.46 7.34 26.03
C CYS B 198 -2.15 6.76 27.26
N THR B 199 -2.11 5.44 27.42
CA THR B 199 -2.74 4.75 28.54
C THR B 199 -1.67 4.48 29.60
N LYS B 200 -1.72 5.22 30.72
CA LYS B 200 -0.57 5.29 31.63
C LYS B 200 -0.59 4.31 32.81
N ASP B 201 -1.72 4.14 33.48
CA ASP B 201 -1.76 3.24 34.64
C ASP B 201 -3.04 2.39 34.71
N ASN B 202 -3.18 1.52 33.73
CA ASN B 202 -4.23 0.51 33.68
C ASN B 202 -3.67 -0.70 32.93
N GLU B 203 -3.19 -1.69 33.70
CA GLU B 203 -2.42 -2.79 33.11
C GLU B 203 -3.20 -3.66 32.15
N VAL B 204 -4.48 -3.90 32.46
CA VAL B 204 -5.30 -4.80 31.66
C VAL B 204 -5.60 -4.16 30.31
N GLU B 205 -5.85 -2.85 30.32
CA GLU B 205 -6.05 -2.08 29.11
C GLU B 205 -4.74 -2.02 28.30
N GLN B 206 -3.64 -1.63 28.94
CA GLN B 206 -2.35 -1.65 28.27
C GLN B 206 -2.09 -3.01 27.62
N GLU B 207 -2.33 -4.08 28.36
CA GLU B 207 -2.06 -5.43 27.85
C GLU B 207 -2.97 -5.77 26.68
N ASP B 208 -4.27 -5.47 26.81
CA ASP B 208 -5.22 -5.66 25.71
C ASP B 208 -4.85 -4.89 24.44
N LEU B 209 -4.55 -3.60 24.62
CA LEU B 209 -4.14 -2.73 23.55
C LEU B 209 -2.89 -3.24 22.85
N ALA B 210 -1.90 -3.67 23.64
CA ALA B 210 -0.68 -4.27 23.10
C ALA B 210 -1.04 -5.46 22.23
N GLN B 211 -1.91 -6.31 22.76
CA GLN B 211 -2.35 -7.49 22.05
C GLN B 211 -3.05 -7.13 20.74
N SER B 212 -3.94 -6.14 20.78
CA SER B 212 -4.71 -5.75 19.61
C SER B 212 -3.78 -5.15 18.55
N LEU B 213 -2.74 -4.44 19.00
CA LEU B 213 -1.76 -3.87 18.09
C LEU B 213 -1.05 -4.96 17.29
N SER B 214 -0.57 -6.00 17.98
CA SER B 214 0.09 -7.13 17.34
C SER B 214 -0.87 -7.90 16.43
N LEU B 215 -2.09 -8.14 16.91
CA LEU B 215 -3.09 -8.86 16.11
C LEU B 215 -3.45 -8.14 14.79
N VAL B 216 -3.67 -6.83 14.82
CA VAL B 216 -3.98 -6.10 13.60
C VAL B 216 -2.81 -6.13 12.61
N LYS B 217 -1.58 -6.12 13.10
CA LYS B 217 -0.40 -6.28 12.23
C LYS B 217 -0.41 -7.65 11.56
N ASP B 218 -0.81 -8.69 12.31
CA ASP B 218 -0.94 -10.03 11.73
C ASP B 218 -1.99 -10.03 10.62
N VAL B 219 -3.12 -9.37 10.85
CA VAL B 219 -4.14 -9.25 9.81
C VAL B 219 -3.56 -8.57 8.56
N ILE B 220 -2.82 -7.48 8.74
CA ILE B 220 -2.24 -6.72 7.62
C ILE B 220 -1.18 -7.53 6.89
N GLY B 221 -0.32 -8.19 7.66
CA GLY B 221 0.70 -9.06 7.11
C GLY B 221 0.12 -10.10 6.19
N ALA B 222 -1.00 -10.71 6.62
CA ALA B 222 -1.67 -11.72 5.80
C ALA B 222 -2.31 -11.12 4.55
N VAL B 223 -2.86 -9.92 4.68
CA VAL B 223 -3.44 -9.21 3.54
C VAL B 223 -2.35 -8.88 2.50
N ASP B 224 -1.24 -8.33 2.97
CA ASP B 224 -0.09 -8.02 2.13
C ASP B 224 0.41 -9.23 1.37
N SER B 225 0.55 -10.35 2.07
CA SER B 225 0.90 -11.61 1.44
C SER B 225 -0.10 -12.08 0.39
N LYS B 226 -1.39 -11.91 0.69
CA LYS B 226 -2.45 -12.29 -0.25
C LYS B 226 -2.41 -11.44 -1.52
N VAL B 227 -1.99 -10.18 -1.39
CA VAL B 227 -1.79 -9.32 -2.55
C VAL B 227 -0.66 -9.84 -3.44
N ALA B 228 0.38 -10.39 -2.82
CA ALA B 228 1.50 -10.99 -3.56
C ALA B 228 1.01 -12.21 -4.35
N SER B 229 0.14 -13.01 -3.75
CA SER B 229 -0.50 -14.12 -4.48
C SER B 229 -1.28 -13.65 -5.71
N TYR B 230 -2.05 -12.57 -5.57
CA TYR B 230 -2.79 -12.00 -6.69
C TYR B 230 -1.88 -11.40 -7.77
N GLU B 231 -0.76 -10.78 -7.38
CA GLU B 231 0.22 -10.30 -8.35
C GLU B 231 0.73 -11.48 -9.16
N LYS B 232 0.99 -12.61 -8.50
CA LYS B 232 1.49 -13.81 -9.17
C LYS B 232 0.45 -14.42 -10.12
N LYS B 233 -0.80 -14.51 -9.66
CA LYS B 233 -1.89 -15.04 -10.47
C LYS B 233 -2.09 -14.18 -11.71
N VAL B 234 -2.20 -12.86 -11.52
CA VAL B 234 -2.36 -11.93 -12.63
C VAL B 234 -1.17 -12.01 -13.61
N ARG B 235 0.04 -12.16 -13.09
CA ARG B 235 1.22 -12.27 -13.94
C ARG B 235 1.22 -13.56 -14.77
N LEU B 236 0.89 -14.67 -14.13
CA LEU B 236 0.75 -15.97 -14.81
C LEU B 236 -0.28 -15.91 -15.95
N ASN B 237 -1.36 -15.16 -15.73
CA ASN B 237 -2.39 -14.97 -16.74
C ASN B 237 -1.88 -14.14 -17.93
N GLU B 238 -1.02 -13.17 -17.66
CA GLU B 238 -0.36 -12.40 -18.73
C GLU B 238 0.43 -13.33 -19.65
N ILE B 239 1.10 -14.30 -19.05
CA ILE B 239 1.94 -15.27 -19.77
C ILE B 239 1.09 -16.31 -20.50
N TYR B 240 0.15 -16.90 -19.78
CA TYR B 240 -0.77 -17.90 -20.35
C TYR B 240 -1.42 -17.45 -21.65
N THR B 241 -1.96 -16.23 -21.65
CA THR B 241 -2.61 -15.69 -22.84
C THR B 241 -1.59 -15.33 -23.91
N LYS B 242 -0.39 -14.88 -23.50
CA LYS B 242 0.67 -14.56 -24.45
C LYS B 242 1.15 -15.81 -25.20
N THR B 243 1.16 -16.95 -24.51
CA THR B 243 1.38 -18.23 -25.16
C THR B 243 0.18 -18.50 -26.07
N ASP B 244 0.41 -18.95 -27.30
CA ASP B 244 -0.72 -19.26 -28.18
C ASP B 244 -0.87 -20.78 -28.32
N SER B 245 -2.12 -21.21 -28.47
CA SER B 245 -2.51 -22.62 -28.41
C SER B 245 -1.61 -23.56 -29.21
N LYS B 246 -1.07 -23.04 -30.31
CA LYS B 246 -0.07 -23.72 -31.15
C LYS B 246 0.97 -24.60 -30.44
N SER B 247 1.65 -24.08 -29.42
CA SER B 247 2.89 -24.71 -28.92
C SER B 247 2.67 -25.82 -27.89
N ILE B 248 3.53 -26.83 -27.96
CA ILE B 248 3.43 -28.04 -27.13
C ILE B 248 4.84 -28.48 -26.73
N MET B 249 4.95 -29.17 -25.60
CA MET B 249 6.21 -29.73 -25.13
C MET B 249 5.98 -31.08 -24.45
N ARG B 250 6.71 -32.10 -24.89
CA ARG B 250 6.68 -33.41 -24.25
C ARG B 250 7.56 -33.39 -23.00
N MET B 251 7.01 -33.90 -21.90
CA MET B 251 7.76 -34.04 -20.64
C MET B 251 8.41 -35.42 -20.59
N LYS B 252 9.37 -35.59 -19.68
CA LYS B 252 10.10 -36.86 -19.54
C LYS B 252 9.18 -38.07 -19.34
N SER B 253 8.05 -37.86 -18.68
CA SER B 253 7.05 -38.91 -18.48
C SER B 253 6.37 -39.35 -19.78
N GLY B 254 6.32 -38.45 -20.76
CA GLY B 254 5.58 -38.66 -21.99
C GLY B 254 4.40 -37.69 -22.09
N GLN B 255 3.97 -37.16 -20.95
CA GLN B 255 2.84 -36.23 -20.90
C GLN B 255 3.12 -34.98 -21.75
N MET B 256 2.22 -34.70 -22.68
CA MET B 256 2.34 -33.52 -23.53
C MET B 256 1.81 -32.31 -22.78
N PHE B 257 2.61 -31.26 -22.70
CA PHE B 257 2.25 -30.05 -21.96
C PHE B 257 1.94 -28.93 -22.95
N ALA B 258 0.85 -28.21 -22.69
CA ALA B 258 0.37 -27.19 -23.61
C ALA B 258 -0.10 -25.94 -22.85
N LYS B 259 -0.38 -24.89 -23.62
CA LYS B 259 -0.86 -23.61 -23.08
C LYS B 259 -1.93 -23.76 -22.00
N GLU B 260 -2.91 -24.64 -22.22
CA GLU B 260 -4.00 -24.79 -21.25
C GLU B 260 -3.58 -25.50 -19.95
N ASP B 261 -2.43 -26.18 -19.95
CA ASP B 261 -1.89 -26.77 -18.72
C ASP B 261 -1.31 -25.70 -17.77
N LEU B 262 -0.93 -24.54 -18.32
CA LEU B 262 -0.37 -23.43 -17.52
C LEU B 262 -1.38 -22.82 -16.54
N LYS B 263 -2.68 -22.91 -16.86
CA LYS B 263 -3.72 -22.70 -15.87
C LYS B 263 -4.27 -24.08 -15.48
N ARG B 264 -4.62 -24.31 -14.22
CA ARG B 264 -4.57 -23.32 -13.15
C ARG B 264 -3.37 -23.61 -12.24
N LYS B 265 -2.16 -23.38 -12.76
CA LYS B 265 -0.92 -23.54 -11.99
C LYS B 265 -0.71 -22.33 -11.09
N LYS B 266 0.28 -22.43 -10.21
CA LYS B 266 0.62 -21.33 -9.30
C LYS B 266 2.06 -20.89 -9.54
N LEU B 267 2.23 -19.60 -9.87
CA LEU B 267 3.54 -19.05 -10.22
C LEU B 267 4.34 -18.67 -8.96
N VAL B 268 5.62 -19.01 -8.95
CA VAL B 268 6.54 -18.65 -7.88
C VAL B 268 7.41 -17.46 -8.31
N ARG B 269 8.12 -17.62 -9.42
CA ARG B 269 8.91 -16.52 -9.98
C ARG B 269 9.13 -16.68 -11.47
N ASP B 270 9.09 -15.55 -12.19
CA ASP B 270 9.47 -15.52 -13.60
C ASP B 270 10.50 -14.42 -13.88
N GLY B 271 11.25 -14.58 -14.96
CA GLY B 271 12.30 -13.63 -15.34
C GLY B 271 13.06 -14.09 -16.57
N SER B 272 13.72 -13.15 -17.24
CA SER B 272 14.47 -13.45 -18.46
C SER B 272 15.84 -14.09 -18.13
N VAL B 273 16.13 -15.21 -18.79
CA VAL B 273 17.42 -15.89 -18.67
C VAL B 273 17.86 -16.42 -20.04
N PHE B 274 18.99 -17.12 -20.08
CA PHE B 274 19.49 -17.73 -21.30
C PHE B 274 19.75 -19.22 -21.09
N LEU B 275 19.24 -20.05 -21.98
CA LEU B 275 19.60 -21.47 -22.01
C LEU B 275 20.84 -21.67 -22.87
N LYS B 276 21.72 -22.56 -22.42
CA LYS B 276 22.92 -22.91 -23.19
C LYS B 276 22.83 -24.34 -23.72
N ASN B 277 22.60 -24.48 -25.03
CA ASN B 277 22.56 -25.80 -25.69
C ASN B 277 23.95 -26.43 -25.77
N ALA B 278 24.00 -27.68 -26.22
CA ALA B 278 25.26 -28.42 -26.38
C ALA B 278 26.25 -27.76 -27.35
N ALA B 279 25.75 -27.00 -28.32
CA ALA B 279 26.63 -26.25 -29.24
C ALA B 279 27.17 -24.97 -28.58
N GLY B 280 26.55 -24.58 -27.47
CA GLY B 280 27.04 -23.47 -26.64
C GLY B 280 26.44 -22.11 -26.99
N ARG B 281 25.37 -22.10 -27.78
CA ARG B 281 24.67 -20.85 -28.08
C ARG B 281 23.69 -20.53 -26.94
N LEU B 282 23.50 -19.24 -26.68
CA LEU B 282 22.60 -18.77 -25.64
C LEU B 282 21.26 -18.35 -26.24
N LYS B 283 20.17 -18.89 -25.70
CA LYS B 283 18.82 -18.66 -26.22
C LYS B 283 18.00 -17.88 -25.19
N GLU B 284 17.60 -16.65 -25.55
CA GLU B 284 16.82 -15.81 -24.63
C GLU B 284 15.45 -16.42 -24.38
N VAL B 285 15.08 -16.47 -23.12
CA VAL B 285 13.94 -17.25 -22.67
C VAL B 285 13.42 -16.69 -21.36
N GLN B 286 12.13 -16.89 -21.10
CA GLN B 286 11.56 -16.57 -19.80
C GLN B 286 11.58 -17.81 -18.94
N ALA B 287 12.39 -17.78 -17.87
CA ALA B 287 12.29 -18.76 -16.80
C ALA B 287 10.93 -18.56 -16.14
N VAL B 288 10.17 -19.64 -15.99
CA VAL B 288 8.88 -19.57 -15.33
C VAL B 288 8.79 -20.70 -14.32
N LEU B 289 9.15 -20.39 -13.07
CA LEU B 289 9.09 -21.36 -11.99
C LEU B 289 7.68 -21.39 -11.43
N LEU B 290 7.05 -22.55 -11.50
CA LEU B 290 5.77 -22.79 -10.85
C LEU B 290 6.03 -23.59 -9.59
N THR B 291 5.00 -23.85 -8.81
CA THR B 291 5.18 -24.53 -7.52
C THR B 291 5.61 -25.99 -7.70
N ASP B 292 5.20 -26.59 -8.82
CA ASP B 292 5.46 -28.01 -9.08
C ASP B 292 6.31 -28.28 -10.31
N ILE B 293 6.49 -27.28 -11.17
CA ILE B 293 7.09 -27.46 -12.49
C ILE B 293 7.88 -26.23 -12.88
N LEU B 294 8.99 -26.42 -13.59
CA LEU B 294 9.74 -25.31 -14.18
C LEU B 294 9.55 -25.30 -15.70
N VAL B 295 9.21 -24.13 -16.25
CA VAL B 295 8.90 -23.96 -17.67
C VAL B 295 9.78 -22.88 -18.29
N PHE B 296 10.23 -23.11 -19.52
CA PHE B 296 11.01 -22.13 -20.28
C PHE B 296 10.28 -21.74 -21.58
N LEU B 297 10.13 -20.44 -21.82
CA LEU B 297 9.38 -19.93 -22.96
C LEU B 297 10.18 -18.93 -23.81
N GLN B 298 10.24 -19.16 -25.12
CA GLN B 298 10.82 -18.20 -26.08
C GLN B 298 9.72 -17.28 -26.59
N GLU B 299 10.05 -16.00 -26.74
CA GLU B 299 9.13 -15.03 -27.33
C GLU B 299 9.40 -14.96 -28.83
N LYS B 300 8.51 -15.57 -29.62
CA LYS B 300 8.61 -15.57 -31.08
C LYS B 300 7.32 -15.03 -31.68
N ASP B 301 7.45 -14.08 -32.61
CA ASP B 301 6.30 -13.41 -33.25
C ASP B 301 5.36 -12.79 -32.23
N GLN B 302 5.94 -12.19 -31.18
CA GLN B 302 5.20 -11.51 -30.11
C GLN B 302 4.24 -12.42 -29.32
N LYS B 303 4.59 -13.70 -29.24
CA LYS B 303 3.83 -14.70 -28.47
C LYS B 303 4.85 -15.65 -27.84
N TYR B 304 4.48 -16.30 -26.74
CA TYR B 304 5.37 -17.26 -26.10
C TYR B 304 5.21 -18.66 -26.68
N ILE B 305 6.35 -19.33 -26.86
CA ILE B 305 6.38 -20.74 -27.25
C ILE B 305 7.23 -21.49 -26.23
N PHE B 306 6.88 -22.73 -25.94
CA PHE B 306 7.71 -23.59 -25.11
C PHE B 306 9.09 -23.72 -25.77
N ALA B 307 10.14 -23.41 -25.02
CA ALA B 307 11.48 -23.35 -25.60
C ALA B 307 11.97 -24.72 -26.05
N SER B 308 12.73 -24.74 -27.14
CA SER B 308 13.37 -25.96 -27.62
C SER B 308 14.85 -25.93 -27.24
N LEU B 309 15.38 -27.08 -26.83
CA LEU B 309 16.78 -27.19 -26.43
C LEU B 309 17.27 -28.63 -26.62
N ASP B 310 17.79 -28.93 -27.80
CA ASP B 310 18.39 -30.25 -28.09
C ASP B 310 17.44 -31.43 -27.86
N GLN B 311 16.16 -31.24 -28.20
CA GLN B 311 15.12 -32.26 -27.98
C GLN B 311 15.00 -32.70 -26.50
N LYS B 312 15.17 -31.75 -25.58
CA LYS B 312 14.97 -32.00 -24.16
C LYS B 312 13.67 -31.37 -23.69
N SER B 313 13.12 -31.89 -22.60
CA SER B 313 11.94 -31.29 -22.00
C SER B 313 12.32 -29.96 -21.33
N THR B 314 11.65 -28.89 -21.75
CA THR B 314 11.76 -27.58 -21.11
C THR B 314 10.48 -27.27 -20.33
N VAL B 315 9.70 -28.33 -20.07
CA VAL B 315 8.70 -28.34 -19.02
C VAL B 315 9.17 -29.44 -18.07
N ILE B 316 9.63 -29.04 -16.89
CA ILE B 316 10.42 -29.88 -16.01
C ILE B 316 9.77 -30.05 -14.64
N SER B 317 9.44 -31.29 -14.28
CA SER B 317 8.96 -31.59 -12.94
C SER B 317 10.06 -31.30 -11.93
N LEU B 318 9.69 -30.75 -10.78
CA LEU B 318 10.66 -30.43 -9.74
C LEU B 318 10.91 -31.60 -8.82
N LYS B 319 10.12 -32.67 -8.98
CA LYS B 319 10.04 -33.75 -7.98
C LYS B 319 11.42 -34.24 -7.54
N LYS B 320 12.19 -34.80 -8.46
CA LYS B 320 13.53 -35.30 -8.16
C LYS B 320 14.60 -34.46 -8.85
N LEU B 321 14.31 -33.17 -9.03
CA LEU B 321 15.21 -32.25 -9.72
C LEU B 321 16.35 -31.86 -8.79
N ILE B 322 17.56 -31.83 -9.34
CA ILE B 322 18.73 -31.39 -8.60
C ILE B 322 19.26 -30.12 -9.26
N VAL B 323 19.70 -29.18 -8.43
CA VAL B 323 20.13 -27.87 -8.87
C VAL B 323 21.60 -27.67 -8.50
N ARG B 324 22.46 -27.49 -9.50
CA ARG B 324 23.88 -27.25 -9.27
C ARG B 324 24.39 -26.00 -9.97
N GLU B 325 25.46 -25.43 -9.41
CA GLU B 325 26.19 -24.33 -10.03
C GLU B 325 27.06 -24.89 -11.17
N VAL B 326 27.28 -24.10 -12.21
CA VAL B 326 28.25 -24.50 -13.24
C VAL B 326 29.64 -24.15 -12.70
N ALA B 327 30.51 -25.16 -12.63
CA ALA B 327 31.85 -24.97 -12.12
C ALA B 327 32.61 -23.97 -12.97
N HIS B 328 33.20 -22.97 -12.32
CA HIS B 328 34.02 -21.95 -12.98
C HIS B 328 33.23 -21.08 -13.96
N GLU B 329 31.92 -20.96 -13.75
CA GLU B 329 31.07 -20.10 -14.57
C GLU B 329 29.97 -19.51 -13.68
N GLU B 330 30.25 -18.34 -13.14
CA GLU B 330 29.45 -17.74 -12.07
C GLU B 330 28.01 -17.37 -12.44
N LYS B 331 27.76 -17.12 -13.73
CA LYS B 331 26.43 -16.76 -14.20
C LYS B 331 25.59 -17.98 -14.59
N GLY B 332 26.20 -19.16 -14.52
CA GLY B 332 25.55 -20.40 -14.96
C GLY B 332 24.98 -21.28 -13.86
N LEU B 333 24.23 -22.30 -14.28
CA LEU B 333 23.48 -23.13 -13.36
C LEU B 333 22.96 -24.37 -14.11
N PHE B 334 23.03 -25.54 -13.47
CA PHE B 334 22.58 -26.82 -14.06
C PHE B 334 21.31 -27.34 -13.37
N LEU B 335 20.42 -27.93 -14.16
CA LEU B 335 19.24 -28.61 -13.64
C LEU B 335 19.27 -30.05 -14.13
N ILE B 336 19.29 -30.99 -13.19
CA ILE B 336 19.40 -32.41 -13.52
C ILE B 336 18.13 -33.14 -13.09
N SER B 337 17.40 -33.67 -14.07
CA SER B 337 16.20 -34.48 -13.81
C SER B 337 16.57 -35.93 -13.48
N MET B 338 16.77 -36.22 -12.19
CA MET B 338 17.20 -37.54 -11.75
C MET B 338 16.14 -38.64 -11.86
N GLY B 339 14.88 -38.26 -12.07
CA GLY B 339 13.81 -39.25 -12.23
C GLY B 339 13.69 -39.87 -13.62
N MET B 340 14.83 -40.11 -14.27
CA MET B 340 14.88 -40.78 -15.57
C MET B 340 16.08 -41.74 -15.58
N THR B 341 16.13 -42.62 -16.57
CA THR B 341 17.28 -43.51 -16.72
C THR B 341 18.45 -42.79 -17.40
N ASP B 342 18.15 -41.75 -18.17
CA ASP B 342 19.16 -40.88 -18.77
C ASP B 342 18.86 -39.46 -18.35
N PRO B 343 19.18 -39.13 -17.09
CA PRO B 343 18.79 -37.84 -16.54
C PRO B 343 19.19 -36.68 -17.44
N GLU B 344 18.21 -35.90 -17.86
CA GLU B 344 18.48 -34.74 -18.71
C GLU B 344 19.02 -33.59 -17.86
N MET B 345 20.12 -33.01 -18.34
CA MET B 345 20.72 -31.83 -17.71
C MET B 345 20.51 -30.60 -18.58
N VAL B 346 19.99 -29.54 -17.97
CA VAL B 346 19.68 -28.28 -18.65
C VAL B 346 20.52 -27.14 -18.05
N GLU B 347 21.35 -26.53 -18.88
CA GLU B 347 22.22 -25.43 -18.47
C GLU B 347 21.54 -24.08 -18.73
N VAL B 348 21.49 -23.25 -17.70
CA VAL B 348 20.83 -21.94 -17.77
C VAL B 348 21.80 -20.87 -17.27
N HIS B 349 21.80 -19.72 -17.95
CA HIS B 349 22.72 -18.63 -17.65
C HIS B 349 21.96 -17.35 -17.33
N ALA B 350 22.28 -16.75 -16.17
CA ALA B 350 21.61 -15.56 -15.68
C ALA B 350 22.31 -14.28 -16.14
N SER B 351 21.74 -13.13 -15.76
CA SER B 351 22.31 -11.81 -16.08
C SER B 351 23.56 -11.54 -15.23
N SER B 352 23.56 -12.01 -13.99
CA SER B 352 24.70 -11.85 -13.10
C SER B 352 24.86 -13.08 -12.20
N LYS B 353 25.94 -13.08 -11.42
CA LYS B 353 26.19 -14.12 -10.43
C LYS B 353 25.22 -14.01 -9.26
N GLU B 354 24.82 -12.78 -8.92
CA GLU B 354 23.84 -12.55 -7.87
C GLU B 354 22.49 -13.16 -8.26
N GLU B 355 22.03 -12.83 -9.46
CA GLU B 355 20.78 -13.36 -10.00
C GLU B 355 20.85 -14.87 -10.24
N ARG B 356 22.03 -15.37 -10.59
CA ARG B 356 22.24 -16.81 -10.71
C ARG B 356 22.01 -17.49 -9.36
N ASN B 357 22.57 -16.92 -8.30
CA ASN B 357 22.41 -17.47 -6.95
C ASN B 357 20.98 -17.43 -6.47
N SER B 358 20.29 -16.31 -6.70
CA SER B 358 18.90 -16.18 -6.24
C SER B 358 18.00 -17.19 -6.93
N TRP B 359 18.24 -17.44 -8.23
CA TRP B 359 17.51 -18.46 -8.95
C TRP B 359 17.72 -19.85 -8.36
N ILE B 360 18.93 -20.15 -7.90
CA ILE B 360 19.19 -21.46 -7.28
C ILE B 360 18.45 -21.62 -5.94
N GLN B 361 18.43 -20.55 -5.15
CA GLN B 361 17.83 -20.62 -3.81
C GLN B 361 16.32 -20.84 -3.88
N ILE B 362 15.64 -20.06 -4.71
CA ILE B 362 14.18 -20.18 -4.84
C ILE B 362 13.74 -21.49 -5.48
N ILE B 363 14.51 -21.99 -6.43
CA ILE B 363 14.23 -23.29 -7.05
C ILE B 363 14.37 -24.37 -6.00
N GLN B 364 15.45 -24.29 -5.22
CA GLN B 364 15.68 -25.24 -4.14
C GLN B 364 14.58 -25.16 -3.10
N ASP B 365 14.19 -23.93 -2.75
CA ASP B 365 13.10 -23.71 -1.82
C ASP B 365 11.79 -24.31 -2.33
N THR B 366 11.57 -24.16 -3.63
CA THR B 366 10.34 -24.63 -4.25
C THR B 366 10.34 -26.15 -4.33
N ILE B 367 11.50 -26.73 -4.62
CA ILE B 367 11.65 -28.18 -4.57
C ILE B 367 11.37 -28.67 -3.16
N ASN B 368 12.06 -28.10 -2.18
CA ASN B 368 11.93 -28.55 -0.78
C ASN B 368 10.48 -28.51 -0.31
N THR B 369 9.82 -27.38 -0.54
CA THR B 369 8.41 -27.22 -0.23
C THR B 369 7.56 -28.37 -0.83
N LEU B 370 7.83 -28.70 -2.09
CA LEU B 370 7.02 -29.66 -2.83
C LEU B 370 7.04 -31.09 -2.27
N ASN B 371 8.20 -31.55 -1.81
CA ASN B 371 8.40 -32.97 -1.53
C ASN B 371 8.01 -33.41 -0.10
PB GDP C . 5.17 9.60 9.96
O1B GDP C . 3.74 9.83 9.73
O2B GDP C . 5.52 8.29 10.54
O3B GDP C . 6.04 9.96 8.80
O3A GDP C . 5.51 10.72 11.02
PA GDP C . 4.38 11.55 11.89
O1A GDP C . 3.54 10.50 12.52
O2A GDP C . 3.72 12.62 11.09
O5' GDP C . 5.35 12.21 13.07
C5' GDP C . 6.27 11.37 13.83
C4' GDP C . 6.70 12.13 15.09
O4' GDP C . 7.45 13.34 14.76
C3' GDP C . 5.50 12.60 15.91
O3' GDP C . 5.83 12.59 17.30
C2' GDP C . 5.31 14.02 15.47
O2' GDP C . 4.67 14.78 16.48
C1' GDP C . 6.74 14.51 15.25
N9 GDP C . 6.83 15.63 14.27
C8 GDP C . 6.21 15.73 13.09
N7 GDP C . 6.54 16.88 12.52
C5 GDP C . 7.40 17.51 13.33
C6 GDP C . 8.03 18.69 13.22
O6 GDP C . 7.89 19.42 12.23
N1 GDP C . 8.88 19.11 14.26
C2 GDP C . 9.05 18.28 15.38
N2 GDP C . 9.87 18.66 16.35
N3 GDP C . 8.40 17.11 15.43
C4 GDP C . 7.58 16.73 14.42
S SO4 D . 5.24 -13.56 1.48
O1 SO4 D . 5.96 -13.95 0.24
O2 SO4 D . 4.23 -12.54 1.15
O3 SO4 D . 6.22 -13.02 2.45
O4 SO4 D . 4.58 -14.75 2.06
C1 EDO E . -5.24 5.46 -7.30
O1 EDO E . -5.91 6.58 -6.69
C2 EDO E . -5.14 4.27 -6.36
O2 EDO E . -4.38 3.21 -6.94
S SO4 F . -18.75 -8.99 17.34
O1 SO4 F . -17.82 -10.14 17.43
O2 SO4 F . -18.61 -8.29 16.04
O3 SO4 F . -18.43 -8.00 18.40
O4 SO4 F . -20.15 -9.43 17.49
S SO4 G . 2.60 12.17 20.68
O1 SO4 G . 3.64 12.17 21.74
O2 SO4 G . 2.14 13.56 20.46
O3 SO4 G . 1.45 11.34 21.12
O4 SO4 G . 3.18 11.64 19.42
S SO4 H . -3.01 18.40 34.16
O1 SO4 H . -3.01 17.09 33.48
O2 SO4 H . -3.50 19.46 33.23
O3 SO4 H . -1.64 18.74 34.59
O4 SO4 H . -3.91 18.33 35.34
S SO4 I . -14.40 18.09 -1.28
O1 SO4 I . -13.15 18.88 -1.28
O2 SO4 I . -15.18 18.42 -2.50
O3 SO4 I . -15.21 18.41 -0.08
O4 SO4 I . -14.04 16.65 -1.28
#